data_210D
# 
_entry.id   210D 
# 
_audit_conform.dict_name       mmcif_pdbx.dic 
_audit_conform.dict_version    5.387 
_audit_conform.dict_location   http://mmcif.pdb.org/dictionaries/ascii/mmcif_pdbx.dic 
# 
loop_
_database_2.database_id 
_database_2.database_code 
_database_2.pdbx_database_accession 
_database_2.pdbx_DOI 
PDB   210D         pdb_0000210d 10.2210/pdb210d/pdb 
RCSB  ZDFB41       ?            ?                   
WWPDB D_1000177567 ?            ?                   
# 
loop_
_pdbx_audit_revision_history.ordinal 
_pdbx_audit_revision_history.data_content_type 
_pdbx_audit_revision_history.major_revision 
_pdbx_audit_revision_history.minor_revision 
_pdbx_audit_revision_history.revision_date 
1 'Structure model' 1 0 1996-03-22 
2 'Structure model' 1 1 2008-05-22 
3 'Structure model' 1 2 2011-07-13 
4 'Structure model' 1 3 2018-04-18 
5 'Structure model' 1 4 2024-02-14 
# 
_pdbx_audit_revision_details.ordinal             1 
_pdbx_audit_revision_details.revision_ordinal    1 
_pdbx_audit_revision_details.data_content_type   'Structure model' 
_pdbx_audit_revision_details.provider            repository 
_pdbx_audit_revision_details.type                'Initial release' 
_pdbx_audit_revision_details.description         ? 
_pdbx_audit_revision_details.details             ? 
# 
loop_
_pdbx_audit_revision_group.ordinal 
_pdbx_audit_revision_group.revision_ordinal 
_pdbx_audit_revision_group.data_content_type 
_pdbx_audit_revision_group.group 
1 2 'Structure model' 'Version format compliance' 
2 3 'Structure model' 'Version format compliance' 
3 4 'Structure model' 'Data collection'           
4 5 'Structure model' 'Data collection'           
5 5 'Structure model' 'Database references'       
6 5 'Structure model' 'Derived calculations'      
# 
loop_
_pdbx_audit_revision_category.ordinal 
_pdbx_audit_revision_category.revision_ordinal 
_pdbx_audit_revision_category.data_content_type 
_pdbx_audit_revision_category.category 
1 4 'Structure model' diffrn_detector 
2 5 'Structure model' chem_comp_atom  
3 5 'Structure model' chem_comp_bond  
4 5 'Structure model' database_2      
5 5 'Structure model' struct_conn     
6 5 'Structure model' struct_site     
# 
loop_
_pdbx_audit_revision_item.ordinal 
_pdbx_audit_revision_item.revision_ordinal 
_pdbx_audit_revision_item.data_content_type 
_pdbx_audit_revision_item.item 
1 4 'Structure model' '_diffrn_detector.detector'           
2 5 'Structure model' '_database_2.pdbx_DOI'                
3 5 'Structure model' '_database_2.pdbx_database_accession' 
4 5 'Structure model' '_struct_conn.pdbx_leaving_atom_flag' 
5 5 'Structure model' '_struct_site.pdbx_auth_asym_id'      
6 5 'Structure model' '_struct_site.pdbx_auth_comp_id'      
7 5 'Structure model' '_struct_site.pdbx_auth_seq_id'       
# 
_pdbx_database_status.status_code                     REL 
_pdbx_database_status.entry_id                        210D 
_pdbx_database_status.recvd_initial_deposition_date   1995-06-13 
_pdbx_database_status.deposit_site                    BNL 
_pdbx_database_status.process_site                    NDB 
_pdbx_database_status.status_code_sf                  REL 
_pdbx_database_status.status_code_mr                  ? 
_pdbx_database_status.SG_entry                        ? 
_pdbx_database_status.pdb_format_compatible           Y 
_pdbx_database_status.status_code_cs                  ? 
_pdbx_database_status.methods_development_category    ? 
_pdbx_database_status.status_code_nmr_data            ? 
# 
loop_
_audit_author.name 
_audit_author.pdbx_ordinal 
'Parkinson, G.N.' 1 
'Arvantis, G.M.'  2 
'Lessinger, L.'   3 
'Ginell, S.L.'    4 
'Jones, R.'       5 
'Gaffney, B.'     6 
'Berman, H.M.'    7 
# 
_citation.id                        primary 
_citation.title                     
'Crystal and molecular structure of a new Z-DNA crystal form: d[CGT(2-NH2-A)CG] and its platinated derivative.' 
_citation.journal_abbrev            Biochemistry 
_citation.journal_volume            34 
_citation.page_first                15487 
_citation.page_last                 15495 
_citation.year                      1995 
_citation.journal_id_ASTM           BICHAW 
_citation.country                   US 
_citation.journal_id_ISSN           0006-2960 
_citation.journal_id_CSD            0033 
_citation.book_publisher            ? 
_citation.pdbx_database_id_PubMed   7492550 
_citation.pdbx_database_id_DOI      10.1021/bi00047a014 
# 
loop_
_citation_author.citation_id 
_citation_author.name 
_citation_author.ordinal 
_citation_author.identifier_ORCID 
primary 'Parkinson, G.N.' 1 ? 
primary 'Arvanitis, G.M.' 2 ? 
primary 'Lessinger, L.'   3 ? 
primary 'Ginell, S.L.'    4 ? 
primary 'Jones, R.'       5 ? 
primary 'Gaffney, B.'     6 ? 
primary 'Berman, H.M.'    7 ? 
# 
loop_
_entity.id 
_entity.type 
_entity.src_method 
_entity.pdbx_description 
_entity.formula_weight 
_entity.pdbx_number_of_molecules 
_entity.pdbx_ec 
_entity.pdbx_mutation 
_entity.pdbx_fragment 
_entity.details 
1 polymer     syn 
;DNA (5'-D(*CP*GP*TP*(1AP)P*CP*G)-3')
;
1824.231 1  ? ? ? ? 
2 non-polymer syn SPERMINE                               202.340  1  ? ? ? ? 
3 water       nat water                                  18.015   24 ? ? ? ? 
# 
_entity_poly.entity_id                      1 
_entity_poly.type                           polydeoxyribonucleotide 
_entity_poly.nstd_linkage                   no 
_entity_poly.nstd_monomer                   yes 
_entity_poly.pdbx_seq_one_letter_code       '(DC)(DG)(DT)(1AP)(DC)(DG)' 
_entity_poly.pdbx_seq_one_letter_code_can   CGTACG 
_entity_poly.pdbx_strand_id                 A 
_entity_poly.pdbx_target_identifier         ? 
# 
loop_
_pdbx_entity_nonpoly.entity_id 
_pdbx_entity_nonpoly.name 
_pdbx_entity_nonpoly.comp_id 
2 SPERMINE SPM 
3 water    HOH 
# 
loop_
_entity_poly_seq.entity_id 
_entity_poly_seq.num 
_entity_poly_seq.mon_id 
_entity_poly_seq.hetero 
1 1 DC  n 
1 2 DG  n 
1 3 DT  n 
1 4 1AP n 
1 5 DC  n 
1 6 DG  n 
# 
loop_
_chem_comp.id 
_chem_comp.type 
_chem_comp.mon_nstd_flag 
_chem_comp.name 
_chem_comp.pdbx_synonyms 
_chem_comp.formula 
_chem_comp.formula_weight 
1AP 'DNA linking' n '2,6-DIAMINOPURINE NUCLEOTIDE'       ? 'C10 H15 N6 O6 P' 346.236 
DC  'DNA linking' y "2'-DEOXYCYTIDINE-5'-MONOPHOSPHATE"  ? 'C9 H14 N3 O7 P'  307.197 
DG  'DNA linking' y "2'-DEOXYGUANOSINE-5'-MONOPHOSPHATE" ? 'C10 H14 N5 O7 P' 347.221 
DT  'DNA linking' y "THYMIDINE-5'-MONOPHOSPHATE"         ? 'C10 H15 N2 O8 P' 322.208 
HOH non-polymer   . WATER                                ? 'H2 O'            18.015  
SPM non-polymer   . SPERMINE                             ? 'C10 H26 N4'      202.340 
# 
loop_
_pdbx_poly_seq_scheme.asym_id 
_pdbx_poly_seq_scheme.entity_id 
_pdbx_poly_seq_scheme.seq_id 
_pdbx_poly_seq_scheme.mon_id 
_pdbx_poly_seq_scheme.ndb_seq_num 
_pdbx_poly_seq_scheme.pdb_seq_num 
_pdbx_poly_seq_scheme.auth_seq_num 
_pdbx_poly_seq_scheme.pdb_mon_id 
_pdbx_poly_seq_scheme.auth_mon_id 
_pdbx_poly_seq_scheme.pdb_strand_id 
_pdbx_poly_seq_scheme.pdb_ins_code 
_pdbx_poly_seq_scheme.hetero 
A 1 1 DC  1 1 1 DC  C  A . n 
A 1 2 DG  2 2 2 DG  G  A . n 
A 1 3 DT  3 3 3 DT  T  A . n 
A 1 4 1AP 4 4 4 1AP +A A . n 
A 1 5 DC  5 5 5 DC  C  A . n 
A 1 6 DG  6 6 6 DG  G  A . n 
# 
loop_
_pdbx_nonpoly_scheme.asym_id 
_pdbx_nonpoly_scheme.entity_id 
_pdbx_nonpoly_scheme.mon_id 
_pdbx_nonpoly_scheme.ndb_seq_num 
_pdbx_nonpoly_scheme.pdb_seq_num 
_pdbx_nonpoly_scheme.auth_seq_num 
_pdbx_nonpoly_scheme.pdb_mon_id 
_pdbx_nonpoly_scheme.auth_mon_id 
_pdbx_nonpoly_scheme.pdb_strand_id 
_pdbx_nonpoly_scheme.pdb_ins_code 
B 2 SPM 1  7  7  SPM SPM A . 
C 3 HOH 1  8  8  HOH HOH A . 
C 3 HOH 2  9  9  HOH HOH A . 
C 3 HOH 3  10 10 HOH HOH A . 
C 3 HOH 4  11 11 HOH HOH A . 
C 3 HOH 5  12 12 HOH HOH A . 
C 3 HOH 6  13 13 HOH HOH A . 
C 3 HOH 7  14 14 HOH HOH A . 
C 3 HOH 8  15 15 HOH HOH A . 
C 3 HOH 9  16 16 HOH HOH A . 
C 3 HOH 10 17 17 HOH HOH A . 
C 3 HOH 11 18 18 HOH HOH A . 
C 3 HOH 12 19 19 HOH HOH A . 
C 3 HOH 13 20 20 HOH HOH A . 
C 3 HOH 14 21 21 HOH HOH A . 
C 3 HOH 15 22 22 HOH HOH A . 
C 3 HOH 16 23 23 HOH HOH A . 
C 3 HOH 17 24 24 HOH HOH A . 
C 3 HOH 18 25 25 HOH HOH A . 
C 3 HOH 19 26 26 HOH HOH A . 
C 3 HOH 20 27 27 HOH HOH A . 
C 3 HOH 21 28 28 HOH HOH A . 
C 3 HOH 22 29 29 HOH HOH A . 
C 3 HOH 23 30 30 HOH HOH A . 
C 3 HOH 24 31 31 HOH HOH A . 
# 
_software.name             X-PLOR 
_software.classification   refinement 
_software.version          . 
_software.citation_id      ? 
_software.pdbx_ordinal     1 
# 
_cell.entry_id           210D 
_cell.length_a           25.247 
_cell.length_b           25.247 
_cell.length_c           39.140 
_cell.angle_alpha        90.00 
_cell.angle_beta         90.00 
_cell.angle_gamma        120.00 
_cell.Z_PDB              6 
_cell.pdbx_unique_axis   ? 
# 
_symmetry.entry_id                         210D 
_symmetry.space_group_name_H-M             'P 32 2 1' 
_symmetry.pdbx_full_space_group_name_H-M   ? 
_symmetry.cell_setting                     ? 
_symmetry.Int_Tables_number                154 
# 
_exptl.entry_id          210D 
_exptl.method            'X-RAY DIFFRACTION' 
_exptl.crystals_number   ? 
# 
_exptl_crystal.id                    1 
_exptl_crystal.density_meas          1.4500 
_exptl_crystal.density_Matthews      1.91 
_exptl_crystal.density_percent_sol   35.50 
_exptl_crystal.description           ? 
# 
_exptl_crystal_grow.crystal_id      1 
_exptl_crystal_grow.method          'VAPOR DIFFUSION, SITTING DROP' 
_exptl_crystal_grow.temp            ? 
_exptl_crystal_grow.temp_details    'ROOM TEMPERATURE' 
_exptl_crystal_grow.pH              ? 
_exptl_crystal_grow.pdbx_details    'VAPOR DIFFUSION, SITTING DROP' 
_exptl_crystal_grow.pdbx_pH_range   ? 
# 
loop_
_exptl_crystal_grow_comp.crystal_id 
_exptl_crystal_grow_comp.id 
_exptl_crystal_grow_comp.sol_id 
_exptl_crystal_grow_comp.name 
_exptl_crystal_grow_comp.volume 
_exptl_crystal_grow_comp.conc 
_exptl_crystal_grow_comp.details 
1 1 1 WATER           ? ? ? 
1 2 1 MPD             ? ? ? 
1 3 1 SPERMINE        ? ? ? 
1 4 1 MGCL2           ? ? ? 
1 5 1 'NA CACODYLATE' ? ? ? 
1 6 2 WATER           ? ? ? 
1 7 2 MPD             ? ? ? 
# 
_diffrn.id                     1 
_diffrn.ambient_temp           291.00 
_diffrn.ambient_temp_details   ? 
_diffrn.crystal_id             1 
# 
_diffrn_detector.diffrn_id              1 
_diffrn_detector.detector               DIFFRACTOMETER 
_diffrn_detector.type                   'ENRAF-NONIUS CAD4' 
_diffrn_detector.pdbx_collection_date   ? 
_diffrn_detector.details                ? 
# 
_diffrn_radiation.diffrn_id                        1 
_diffrn_radiation.wavelength_id                    1 
_diffrn_radiation.pdbx_monochromatic_or_laue_m_l   ? 
_diffrn_radiation.monochromator                    ? 
_diffrn_radiation.pdbx_diffrn_protocol             ? 
_diffrn_radiation.pdbx_scattering_type             x-ray 
# 
_diffrn_radiation_wavelength.id           1 
_diffrn_radiation_wavelength.wavelength   . 
_diffrn_radiation_wavelength.wt           1.0 
# 
_diffrn_source.diffrn_id                   1 
_diffrn_source.source                      'ROTATING ANODE' 
_diffrn_source.type                        ? 
_diffrn_source.pdbx_synchrotron_site       ? 
_diffrn_source.pdbx_synchrotron_beamline   ? 
_diffrn_source.pdbx_wavelength             ? 
_diffrn_source.pdbx_wavelength_list        ? 
# 
_reflns.entry_id                     210D 
_reflns.observed_criterion_sigma_I   ? 
_reflns.observed_criterion_sigma_F   2.000 
_reflns.d_resolution_low             ? 
_reflns.d_resolution_high            1.350 
_reflns.number_obs                   3408 
_reflns.number_all                   4487 
_reflns.percent_possible_obs         ? 
_reflns.pdbx_Rmerge_I_obs            ? 
_reflns.pdbx_Rsym_value              ? 
_reflns.pdbx_netI_over_sigmaI        ? 
_reflns.B_iso_Wilson_estimate        ? 
_reflns.pdbx_redundancy              ? 
_reflns.pdbx_diffrn_id               1 
_reflns.pdbx_ordinal                 1 
# 
_refine.entry_id                                 210D 
_refine.ls_number_reflns_obs                     2957 
_refine.ls_number_reflns_all                     ? 
_refine.pdbx_ls_sigma_I                          ? 
_refine.pdbx_ls_sigma_F                          4.000 
_refine.pdbx_data_cutoff_high_absF               ? 
_refine.pdbx_data_cutoff_low_absF                ? 
_refine.pdbx_data_cutoff_high_rms_absF           ? 
_refine.ls_d_res_low                             12.000 
_refine.ls_d_res_high                            1.350 
_refine.ls_percent_reflns_obs                    74.700 
_refine.ls_R_factor_obs                          0.174 
_refine.ls_R_factor_all                          ? 
_refine.ls_R_factor_R_work                       0.174 
_refine.ls_R_factor_R_free                       ? 
_refine.ls_R_factor_R_free_error                 ? 
_refine.ls_R_factor_R_free_error_details         ? 
_refine.ls_percent_reflns_R_free                 ? 
_refine.ls_number_reflns_R_free                  ? 
_refine.ls_number_parameters                     ? 
_refine.ls_number_restraints                     ? 
_refine.occupancy_min                            ? 
_refine.occupancy_max                            ? 
_refine.B_iso_mean                               ? 
_refine.aniso_B[1][1]                            ? 
_refine.aniso_B[2][2]                            ? 
_refine.aniso_B[3][3]                            ? 
_refine.aniso_B[1][2]                            ? 
_refine.aniso_B[1][3]                            ? 
_refine.aniso_B[2][3]                            ? 
_refine.solvent_model_details                    ? 
_refine.solvent_model_param_ksol                 ? 
_refine.solvent_model_param_bsol                 ? 
_refine.pdbx_ls_cross_valid_method               ? 
_refine.details                                  ? 
_refine.pdbx_starting_model                      ? 
_refine.pdbx_method_to_determine_struct          ? 
_refine.pdbx_isotropic_thermal_model             ? 
_refine.pdbx_stereochemistry_target_values       ? 
_refine.pdbx_stereochem_target_val_spec_case     ? 
_refine.pdbx_R_Free_selection_details            ? 
_refine.pdbx_overall_ESU_R                       ? 
_refine.pdbx_overall_ESU_R_Free                  ? 
_refine.overall_SU_ML                            ? 
_refine.overall_SU_B                             ? 
_refine.pdbx_refine_id                           'X-RAY DIFFRACTION' 
_refine.pdbx_diffrn_id                           1 
_refine.pdbx_TLS_residual_ADP_flag               ? 
_refine.correlation_coeff_Fo_to_Fc               ? 
_refine.correlation_coeff_Fo_to_Fc_free          ? 
_refine.pdbx_solvent_vdw_probe_radii             ? 
_refine.pdbx_solvent_ion_probe_radii             ? 
_refine.pdbx_solvent_shrinkage_radii             ? 
_refine.pdbx_overall_phase_error                 ? 
_refine.overall_SU_R_Cruickshank_DPI             ? 
_refine.pdbx_overall_SU_R_free_Cruickshank_DPI   ? 
_refine.pdbx_overall_SU_R_Blow_DPI               ? 
_refine.pdbx_overall_SU_R_free_Blow_DPI          ? 
# 
_refine_hist.pdbx_refine_id                   'X-RAY DIFFRACTION' 
_refine_hist.cycle_id                         LAST 
_refine_hist.pdbx_number_atoms_protein        0 
_refine_hist.pdbx_number_atoms_nucleic_acid   123 
_refine_hist.pdbx_number_atoms_ligand         15 
_refine_hist.number_atoms_solvent             24 
_refine_hist.number_atoms_total               162 
_refine_hist.d_res_high                       1.350 
_refine_hist.d_res_low                        12.000 
# 
loop_
_refine_ls_restr.type 
_refine_ls_restr.dev_ideal 
_refine_ls_restr.dev_ideal_target 
_refine_ls_restr.weight 
_refine_ls_restr.number 
_refine_ls_restr.pdbx_refine_id 
_refine_ls_restr.pdbx_restraint_function 
x_bond_d                0.007 ? ? ? 'X-RAY DIFFRACTION' ? 
x_bond_d_na             ?     ? ? ? 'X-RAY DIFFRACTION' ? 
x_bond_d_prot           ?     ? ? ? 'X-RAY DIFFRACTION' ? 
x_angle_d               ?     ? ? ? 'X-RAY DIFFRACTION' ? 
x_angle_d_na            ?     ? ? ? 'X-RAY DIFFRACTION' ? 
x_angle_d_prot          ?     ? ? ? 'X-RAY DIFFRACTION' ? 
x_angle_deg             1.88  ? ? ? 'X-RAY DIFFRACTION' ? 
x_angle_deg_na          ?     ? ? ? 'X-RAY DIFFRACTION' ? 
x_angle_deg_prot        ?     ? ? ? 'X-RAY DIFFRACTION' ? 
x_dihedral_angle_d      ?     ? ? ? 'X-RAY DIFFRACTION' ? 
x_dihedral_angle_d_na   ?     ? ? ? 'X-RAY DIFFRACTION' ? 
x_dihedral_angle_d_prot ?     ? ? ? 'X-RAY DIFFRACTION' ? 
x_improper_angle_d      ?     ? ? ? 'X-RAY DIFFRACTION' ? 
x_improper_angle_d_na   ?     ? ? ? 'X-RAY DIFFRACTION' ? 
x_improper_angle_d_prot ?     ? ? ? 'X-RAY DIFFRACTION' ? 
x_mcbond_it             ?     ? ? ? 'X-RAY DIFFRACTION' ? 
x_mcangle_it            ?     ? ? ? 'X-RAY DIFFRACTION' ? 
x_scbond_it             ?     ? ? ? 'X-RAY DIFFRACTION' ? 
x_scangle_it            ?     ? ? ? 'X-RAY DIFFRACTION' ? 
# 
_struct.entry_id                  210D 
_struct.title                     
'CRYSTAL AND MOLECULAR STRUCTURE OF A NEW Z-DNA CRYSTAL FORM: D[CGT(2-NH2-A)CG] AND ITS PLATINATED DERIVATIVE' 
_struct.pdbx_model_details        ? 
_struct.pdbx_CASP_flag            ? 
_struct.pdbx_model_type_details   ? 
# 
_struct_keywords.entry_id        210D 
_struct_keywords.pdbx_keywords   DNA 
_struct_keywords.text            'Z-DNA, DOUBLE HELIX, MODIFIED, DNA' 
# 
loop_
_struct_asym.id 
_struct_asym.pdbx_blank_PDB_chainid_flag 
_struct_asym.pdbx_modified 
_struct_asym.entity_id 
_struct_asym.details 
A N N 1 ? 
B N N 2 ? 
C N N 3 ? 
# 
_struct_ref.id                         1 
_struct_ref.entity_id                  1 
_struct_ref.db_name                    PDB 
_struct_ref.db_code                    210D 
_struct_ref.pdbx_db_accession          210D 
_struct_ref.pdbx_db_isoform            ? 
_struct_ref.pdbx_seq_one_letter_code   ? 
_struct_ref.pdbx_align_begin           ? 
# 
_struct_ref_seq.align_id                      1 
_struct_ref_seq.ref_id                        1 
_struct_ref_seq.pdbx_PDB_id_code              210D 
_struct_ref_seq.pdbx_strand_id                A 
_struct_ref_seq.seq_align_beg                 1 
_struct_ref_seq.pdbx_seq_align_beg_ins_code   ? 
_struct_ref_seq.seq_align_end                 6 
_struct_ref_seq.pdbx_seq_align_end_ins_code   ? 
_struct_ref_seq.pdbx_db_accession             210D 
_struct_ref_seq.db_align_beg                  1 
_struct_ref_seq.pdbx_db_align_beg_ins_code    ? 
_struct_ref_seq.db_align_end                  6 
_struct_ref_seq.pdbx_db_align_end_ins_code    ? 
_struct_ref_seq.pdbx_auth_seq_align_beg       1 
_struct_ref_seq.pdbx_auth_seq_align_end       6 
# 
_pdbx_struct_assembly.id                   1 
_pdbx_struct_assembly.details              author_defined_assembly 
_pdbx_struct_assembly.method_details       ? 
_pdbx_struct_assembly.oligomeric_details   dimeric 
_pdbx_struct_assembly.oligomeric_count     2 
# 
_pdbx_struct_assembly_gen.assembly_id       1 
_pdbx_struct_assembly_gen.oper_expression   1,2 
_pdbx_struct_assembly_gen.asym_id_list      A,B,C 
# 
loop_
_pdbx_struct_oper_list.id 
_pdbx_struct_oper_list.type 
_pdbx_struct_oper_list.name 
_pdbx_struct_oper_list.symmetry_operation 
_pdbx_struct_oper_list.matrix[1][1] 
_pdbx_struct_oper_list.matrix[1][2] 
_pdbx_struct_oper_list.matrix[1][3] 
_pdbx_struct_oper_list.vector[1] 
_pdbx_struct_oper_list.matrix[2][1] 
_pdbx_struct_oper_list.matrix[2][2] 
_pdbx_struct_oper_list.matrix[2][3] 
_pdbx_struct_oper_list.vector[2] 
_pdbx_struct_oper_list.matrix[3][1] 
_pdbx_struct_oper_list.matrix[3][2] 
_pdbx_struct_oper_list.matrix[3][3] 
_pdbx_struct_oper_list.vector[3] 
1 'identity operation'         1_555 x,y,z    1.0000000000  0.0000000000  0.0000000000 0.0000000000 0.0000000000  1.0000000000  0.0000000000  0.0000000000  0.0000000000 0.0000000000  1.0000000000  0.0000000000  
2 'crystal symmetry operation' 4_556 y,x,-z+1 -0.2881765692 -0.5965987415 0.7490154916 6.0534521256 -0.5965987415 -0.4999742311 -0.6277704277 -0.1929136044 0.7490154916 -0.6277704277 -0.2118491997 -5.9065281344 
# 
_struct_biol.id   1 
# 
loop_
_struct_conn.id 
_struct_conn.conn_type_id 
_struct_conn.pdbx_leaving_atom_flag 
_struct_conn.pdbx_PDB_id 
_struct_conn.ptnr1_label_asym_id 
_struct_conn.ptnr1_label_comp_id 
_struct_conn.ptnr1_label_seq_id 
_struct_conn.ptnr1_label_atom_id 
_struct_conn.pdbx_ptnr1_label_alt_id 
_struct_conn.pdbx_ptnr1_PDB_ins_code 
_struct_conn.pdbx_ptnr1_standard_comp_id 
_struct_conn.ptnr1_symmetry 
_struct_conn.ptnr2_label_asym_id 
_struct_conn.ptnr2_label_comp_id 
_struct_conn.ptnr2_label_seq_id 
_struct_conn.ptnr2_label_atom_id 
_struct_conn.pdbx_ptnr2_label_alt_id 
_struct_conn.pdbx_ptnr2_PDB_ins_code 
_struct_conn.ptnr1_auth_asym_id 
_struct_conn.ptnr1_auth_comp_id 
_struct_conn.ptnr1_auth_seq_id 
_struct_conn.ptnr2_auth_asym_id 
_struct_conn.ptnr2_auth_comp_id 
_struct_conn.ptnr2_auth_seq_id 
_struct_conn.ptnr2_symmetry 
_struct_conn.pdbx_ptnr3_label_atom_id 
_struct_conn.pdbx_ptnr3_label_seq_id 
_struct_conn.pdbx_ptnr3_label_comp_id 
_struct_conn.pdbx_ptnr3_label_asym_id 
_struct_conn.pdbx_ptnr3_label_alt_id 
_struct_conn.pdbx_ptnr3_PDB_ins_code 
_struct_conn.details 
_struct_conn.pdbx_dist_value 
_struct_conn.pdbx_value_order 
_struct_conn.pdbx_role 
covale1  covale both ? A DT  3 "O3'" ? ? ? 1_555 A 1AP 4 P  ? ? A DT  3 A 1AP 4 1_555 ? ? ? ? ? ? ?                1.611 ? ? 
covale2  covale one  ? A 1AP 4 "O3'" ? ? ? 1_555 A DC  5 P  A ? A 1AP 4 A DC  5 1_555 ? ? ? ? ? ? ?                1.604 ? ? 
covale3  covale one  ? A 1AP 4 "O3'" ? ? ? 1_555 A DC  5 P  B ? A 1AP 4 A DC  5 1_555 ? ? ? ? ? ? ?                1.577 ? ? 
hydrog1  hydrog ?    ? A DC  1 N3    ? ? ? 1_555 A DG  6 N1 ? ? A DC  1 A DG  6 4_556 ? ? ? ? ? ? WATSON-CRICK     ?     ? ? 
hydrog2  hydrog ?    ? A DC  1 N4    ? ? ? 1_555 A DG  6 O6 ? ? A DC  1 A DG  6 4_556 ? ? ? ? ? ? WATSON-CRICK     ?     ? ? 
hydrog3  hydrog ?    ? A DC  1 O2    ? ? ? 1_555 A DG  6 N2 ? ? A DC  1 A DG  6 4_556 ? ? ? ? ? ? WATSON-CRICK     ?     ? ? 
hydrog4  hydrog ?    ? A DG  2 N1    ? ? ? 1_555 A DC  5 N3 ? ? A DG  2 A DC  5 4_556 ? ? ? ? ? ? WATSON-CRICK     ?     ? ? 
hydrog5  hydrog ?    ? A DG  2 N2    ? ? ? 1_555 A DC  5 O2 ? ? A DG  2 A DC  5 4_556 ? ? ? ? ? ? WATSON-CRICK     ?     ? ? 
hydrog6  hydrog ?    ? A DG  2 O6    ? ? ? 1_555 A DC  5 N4 ? ? A DG  2 A DC  5 4_556 ? ? ? ? ? ? WATSON-CRICK     ?     ? ? 
hydrog7  hydrog ?    ? A DT  3 O2    ? ? ? 1_555 A 1AP 4 N2 ? ? A DT  3 A 1AP 4 4_556 ? ? ? ? ? ? 'DT-1AP MISPAIR' ?     ? ? 
hydrog8  hydrog ?    ? A 1AP 4 N2    ? ? ? 1_555 A DT  3 O2 ? ? A 1AP 4 A DT  3 4_556 ? ? ? ? ? ? '1AP-DT MISPAIR' ?     ? ? 
hydrog9  hydrog ?    ? A DC  5 N3    ? ? ? 1_555 A DG  2 N1 ? ? A DC  5 A DG  2 4_556 ? ? ? ? ? ? WATSON-CRICK     ?     ? ? 
hydrog10 hydrog ?    ? A DC  5 N4    ? ? ? 1_555 A DG  2 O6 ? ? A DC  5 A DG  2 4_556 ? ? ? ? ? ? WATSON-CRICK     ?     ? ? 
hydrog11 hydrog ?    ? A DC  5 O2    ? ? ? 1_555 A DG  2 N2 ? ? A DC  5 A DG  2 4_556 ? ? ? ? ? ? WATSON-CRICK     ?     ? ? 
hydrog12 hydrog ?    ? A DG  6 N1    ? ? ? 1_555 A DC  1 N3 ? ? A DG  6 A DC  1 4_556 ? ? ? ? ? ? WATSON-CRICK     ?     ? ? 
hydrog13 hydrog ?    ? A DG  6 N2    ? ? ? 1_555 A DC  1 O2 ? ? A DG  6 A DC  1 4_556 ? ? ? ? ? ? WATSON-CRICK     ?     ? ? 
hydrog14 hydrog ?    ? A DG  6 O6    ? ? ? 1_555 A DC  1 N4 ? ? A DG  6 A DC  1 4_556 ? ? ? ? ? ? WATSON-CRICK     ?     ? ? 
# 
loop_
_struct_conn_type.id 
_struct_conn_type.criteria 
_struct_conn_type.reference 
covale ? ? 
hydrog ? ? 
# 
_struct_site.id                   AC1 
_struct_site.pdbx_evidence_code   Software 
_struct_site.pdbx_auth_asym_id    A 
_struct_site.pdbx_auth_comp_id    SPM 
_struct_site.pdbx_auth_seq_id     7 
_struct_site.pdbx_auth_ins_code   ? 
_struct_site.pdbx_num_residues    8 
_struct_site.details              'BINDING SITE FOR RESIDUE SPM A 7' 
# 
loop_
_struct_site_gen.id 
_struct_site_gen.site_id 
_struct_site_gen.pdbx_num_res 
_struct_site_gen.label_comp_id 
_struct_site_gen.label_asym_id 
_struct_site_gen.label_seq_id 
_struct_site_gen.pdbx_auth_ins_code 
_struct_site_gen.auth_comp_id 
_struct_site_gen.auth_asym_id 
_struct_site_gen.auth_seq_id 
_struct_site_gen.label_atom_id 
_struct_site_gen.label_alt_id 
_struct_site_gen.symmetry 
_struct_site_gen.details 
1 AC1 8 DG  A 2 ? DG  A 2  . ? 3_545 ? 
2 AC1 8 DT  A 3 ? DT  A 3  . ? 3_545 ? 
3 AC1 8 1AP A 4 ? 1AP A 4  . ? 3_545 ? 
4 AC1 8 DC  A 5 ? DC  A 5  . ? 1_555 ? 
5 AC1 8 DG  A 6 ? DG  A 6  . ? 5_546 ? 
6 AC1 8 HOH C . ? HOH A 9  . ? 3_545 ? 
7 AC1 8 HOH C . ? HOH A 15 . ? 1_555 ? 
8 AC1 8 HOH C . ? HOH A 25 . ? 3_545 ? 
# 
loop_
_pdbx_validate_rmsd_angle.id 
_pdbx_validate_rmsd_angle.PDB_model_num 
_pdbx_validate_rmsd_angle.auth_atom_id_1 
_pdbx_validate_rmsd_angle.auth_asym_id_1 
_pdbx_validate_rmsd_angle.auth_comp_id_1 
_pdbx_validate_rmsd_angle.auth_seq_id_1 
_pdbx_validate_rmsd_angle.PDB_ins_code_1 
_pdbx_validate_rmsd_angle.label_alt_id_1 
_pdbx_validate_rmsd_angle.auth_atom_id_2 
_pdbx_validate_rmsd_angle.auth_asym_id_2 
_pdbx_validate_rmsd_angle.auth_comp_id_2 
_pdbx_validate_rmsd_angle.auth_seq_id_2 
_pdbx_validate_rmsd_angle.PDB_ins_code_2 
_pdbx_validate_rmsd_angle.label_alt_id_2 
_pdbx_validate_rmsd_angle.auth_atom_id_3 
_pdbx_validate_rmsd_angle.auth_asym_id_3 
_pdbx_validate_rmsd_angle.auth_comp_id_3 
_pdbx_validate_rmsd_angle.auth_seq_id_3 
_pdbx_validate_rmsd_angle.PDB_ins_code_3 
_pdbx_validate_rmsd_angle.label_alt_id_3 
_pdbx_validate_rmsd_angle.angle_value 
_pdbx_validate_rmsd_angle.angle_target_value 
_pdbx_validate_rmsd_angle.angle_deviation 
_pdbx_validate_rmsd_angle.angle_standard_deviation 
_pdbx_validate_rmsd_angle.linker_flag 
1 1 OP1   A DC 5 ? B P A DC 5 ? B OP2 A DC 5 ? B 97.17  119.60 -22.43 1.50 N 
2 1 "O5'" A DC 5 ? ? P A DC 5 ? B OP2 A DC 5 ? B 122.14 110.70 11.44  1.20 N 
# 
_pdbx_struct_mod_residue.id               1 
_pdbx_struct_mod_residue.label_asym_id    A 
_pdbx_struct_mod_residue.label_comp_id    1AP 
_pdbx_struct_mod_residue.label_seq_id     4 
_pdbx_struct_mod_residue.auth_asym_id     A 
_pdbx_struct_mod_residue.auth_comp_id     1AP 
_pdbx_struct_mod_residue.auth_seq_id      4 
_pdbx_struct_mod_residue.PDB_ins_code     ? 
_pdbx_struct_mod_residue.parent_comp_id   DA 
_pdbx_struct_mod_residue.details          '2,6-DIAMINOPURINE NUCLEOTIDE' 
# 
loop_
_chem_comp_atom.comp_id 
_chem_comp_atom.atom_id 
_chem_comp_atom.type_symbol 
_chem_comp_atom.pdbx_aromatic_flag 
_chem_comp_atom.pdbx_stereo_config 
_chem_comp_atom.pdbx_ordinal 
1AP N1     N Y N 1   
1AP C2     C Y N 2   
1AP C4     C Y N 3   
1AP C5     C Y N 4   
1AP C6     C Y N 5   
1AP C8     C Y N 6   
1AP N2     N N N 7   
1AP N3     N Y N 8   
1AP N9     N Y N 9   
1AP N7     N Y N 10  
1AP N6     N N N 11  
1AP P      P N N 12  
1AP OP1    O N N 13  
1AP OP2    O N N 14  
1AP "O5'"  O N N 15  
1AP "C5'"  C N N 16  
1AP "C4'"  C N R 17  
1AP "O4'"  O N N 18  
1AP "C1'"  C N R 19  
1AP "C2'"  C N N 20  
1AP "C3'"  C N S 21  
1AP "O3'"  O N N 22  
1AP OP3    O N N 23  
1AP H81    H N N 24  
1AP HN21   H N N 25  
1AP HN22   H N N 26  
1AP HN61   H N N 27  
1AP HN62   H N N 28  
1AP H1P    H N N 29  
1AP H52    H N N 30  
1AP H51    H N N 31  
1AP H4     H N N 32  
1AP H11    H N N 33  
1AP H21    H N N 34  
1AP H22    H N N 35  
1AP H31    H N N 36  
1AP HO31   H N N 37  
1AP H3P    H N N 38  
DC  OP3    O N N 39  
DC  P      P N N 40  
DC  OP1    O N N 41  
DC  OP2    O N N 42  
DC  "O5'"  O N N 43  
DC  "C5'"  C N N 44  
DC  "C4'"  C N R 45  
DC  "O4'"  O N N 46  
DC  "C3'"  C N S 47  
DC  "O3'"  O N N 48  
DC  "C2'"  C N N 49  
DC  "C1'"  C N R 50  
DC  N1     N N N 51  
DC  C2     C N N 52  
DC  O2     O N N 53  
DC  N3     N N N 54  
DC  C4     C N N 55  
DC  N4     N N N 56  
DC  C5     C N N 57  
DC  C6     C N N 58  
DC  HOP3   H N N 59  
DC  HOP2   H N N 60  
DC  "H5'"  H N N 61  
DC  "H5''" H N N 62  
DC  "H4'"  H N N 63  
DC  "H3'"  H N N 64  
DC  "HO3'" H N N 65  
DC  "H2'"  H N N 66  
DC  "H2''" H N N 67  
DC  "H1'"  H N N 68  
DC  H41    H N N 69  
DC  H42    H N N 70  
DC  H5     H N N 71  
DC  H6     H N N 72  
DG  OP3    O N N 73  
DG  P      P N N 74  
DG  OP1    O N N 75  
DG  OP2    O N N 76  
DG  "O5'"  O N N 77  
DG  "C5'"  C N N 78  
DG  "C4'"  C N R 79  
DG  "O4'"  O N N 80  
DG  "C3'"  C N S 81  
DG  "O3'"  O N N 82  
DG  "C2'"  C N N 83  
DG  "C1'"  C N R 84  
DG  N9     N Y N 85  
DG  C8     C Y N 86  
DG  N7     N Y N 87  
DG  C5     C Y N 88  
DG  C6     C N N 89  
DG  O6     O N N 90  
DG  N1     N N N 91  
DG  C2     C N N 92  
DG  N2     N N N 93  
DG  N3     N N N 94  
DG  C4     C Y N 95  
DG  HOP3   H N N 96  
DG  HOP2   H N N 97  
DG  "H5'"  H N N 98  
DG  "H5''" H N N 99  
DG  "H4'"  H N N 100 
DG  "H3'"  H N N 101 
DG  "HO3'" H N N 102 
DG  "H2'"  H N N 103 
DG  "H2''" H N N 104 
DG  "H1'"  H N N 105 
DG  H8     H N N 106 
DG  H1     H N N 107 
DG  H21    H N N 108 
DG  H22    H N N 109 
DT  OP3    O N N 110 
DT  P      P N N 111 
DT  OP1    O N N 112 
DT  OP2    O N N 113 
DT  "O5'"  O N N 114 
DT  "C5'"  C N N 115 
DT  "C4'"  C N R 116 
DT  "O4'"  O N N 117 
DT  "C3'"  C N S 118 
DT  "O3'"  O N N 119 
DT  "C2'"  C N N 120 
DT  "C1'"  C N R 121 
DT  N1     N N N 122 
DT  C2     C N N 123 
DT  O2     O N N 124 
DT  N3     N N N 125 
DT  C4     C N N 126 
DT  O4     O N N 127 
DT  C5     C N N 128 
DT  C7     C N N 129 
DT  C6     C N N 130 
DT  HOP3   H N N 131 
DT  HOP2   H N N 132 
DT  "H5'"  H N N 133 
DT  "H5''" H N N 134 
DT  "H4'"  H N N 135 
DT  "H3'"  H N N 136 
DT  "HO3'" H N N 137 
DT  "H2'"  H N N 138 
DT  "H2''" H N N 139 
DT  "H1'"  H N N 140 
DT  H3     H N N 141 
DT  H71    H N N 142 
DT  H72    H N N 143 
DT  H73    H N N 144 
DT  H6     H N N 145 
HOH O      O N N 146 
HOH H1     H N N 147 
HOH H2     H N N 148 
SPM N1     N N N 149 
SPM C2     C N N 150 
SPM C3     C N N 151 
SPM C4     C N N 152 
SPM N5     N N N 153 
SPM C6     C N N 154 
SPM C7     C N N 155 
SPM C8     C N N 156 
SPM C9     C N N 157 
SPM N10    N N N 158 
SPM C11    C N N 159 
SPM C12    C N N 160 
SPM C13    C N N 161 
SPM N14    N N N 162 
SPM HN11   H N N 163 
SPM HN12   H N N 164 
SPM H21    H N N 165 
SPM H22    H N N 166 
SPM H31    H N N 167 
SPM H32    H N N 168 
SPM H41    H N N 169 
SPM H42    H N N 170 
SPM HN5    H N N 171 
SPM H61    H N N 172 
SPM H62    H N N 173 
SPM H71    H N N 174 
SPM H72    H N N 175 
SPM H81    H N N 176 
SPM H82    H N N 177 
SPM H91    H N N 178 
SPM H92    H N N 179 
SPM HN0    H N N 180 
SPM H111   H N N 181 
SPM H112   H N N 182 
SPM H121   H N N 183 
SPM H122   H N N 184 
SPM H131   H N N 185 
SPM H132   H N N 186 
SPM HN41   H N N 187 
SPM HN42   H N N 188 
# 
loop_
_chem_comp_bond.comp_id 
_chem_comp_bond.atom_id_1 
_chem_comp_bond.atom_id_2 
_chem_comp_bond.value_order 
_chem_comp_bond.pdbx_aromatic_flag 
_chem_comp_bond.pdbx_stereo_config 
_chem_comp_bond.pdbx_ordinal 
1AP N1    C2     sing Y N 1   
1AP N1    C6     doub Y N 2   
1AP C2    N2     sing N N 3   
1AP C2    N3     doub Y N 4   
1AP C4    C5     doub Y N 5   
1AP C4    N3     sing Y N 6   
1AP C4    N9     sing Y N 7   
1AP C5    C6     sing Y N 8   
1AP C5    N7     sing Y N 9   
1AP C6    N6     sing N N 10  
1AP C8    N9     sing Y N 11  
1AP C8    N7     doub Y N 12  
1AP C8    H81    sing N N 13  
1AP N2    HN21   sing N N 14  
1AP N2    HN22   sing N N 15  
1AP N9    "C1'"  sing N N 16  
1AP N6    HN61   sing N N 17  
1AP N6    HN62   sing N N 18  
1AP P     OP1    sing N N 19  
1AP P     OP2    doub N N 20  
1AP P     "O5'"  sing N N 21  
1AP P     OP3    sing N N 22  
1AP OP1   H1P    sing N N 23  
1AP "O5'" "C5'"  sing N N 24  
1AP "C5'" "C4'"  sing N N 25  
1AP "C5'" H52    sing N N 26  
1AP "C5'" H51    sing N N 27  
1AP "C4'" "O4'"  sing N N 28  
1AP "C4'" "C3'"  sing N N 29  
1AP "C4'" H4     sing N N 30  
1AP "O4'" "C1'"  sing N N 31  
1AP "C1'" "C2'"  sing N N 32  
1AP "C1'" H11    sing N N 33  
1AP "C2'" "C3'"  sing N N 34  
1AP "C2'" H21    sing N N 35  
1AP "C2'" H22    sing N N 36  
1AP "C3'" "O3'"  sing N N 37  
1AP "C3'" H31    sing N N 38  
1AP "O3'" HO31   sing N N 39  
1AP OP3   H3P    sing N N 40  
DC  OP3   P      sing N N 41  
DC  OP3   HOP3   sing N N 42  
DC  P     OP1    doub N N 43  
DC  P     OP2    sing N N 44  
DC  P     "O5'"  sing N N 45  
DC  OP2   HOP2   sing N N 46  
DC  "O5'" "C5'"  sing N N 47  
DC  "C5'" "C4'"  sing N N 48  
DC  "C5'" "H5'"  sing N N 49  
DC  "C5'" "H5''" sing N N 50  
DC  "C4'" "O4'"  sing N N 51  
DC  "C4'" "C3'"  sing N N 52  
DC  "C4'" "H4'"  sing N N 53  
DC  "O4'" "C1'"  sing N N 54  
DC  "C3'" "O3'"  sing N N 55  
DC  "C3'" "C2'"  sing N N 56  
DC  "C3'" "H3'"  sing N N 57  
DC  "O3'" "HO3'" sing N N 58  
DC  "C2'" "C1'"  sing N N 59  
DC  "C2'" "H2'"  sing N N 60  
DC  "C2'" "H2''" sing N N 61  
DC  "C1'" N1     sing N N 62  
DC  "C1'" "H1'"  sing N N 63  
DC  N1    C2     sing N N 64  
DC  N1    C6     sing N N 65  
DC  C2    O2     doub N N 66  
DC  C2    N3     sing N N 67  
DC  N3    C4     doub N N 68  
DC  C4    N4     sing N N 69  
DC  C4    C5     sing N N 70  
DC  N4    H41    sing N N 71  
DC  N4    H42    sing N N 72  
DC  C5    C6     doub N N 73  
DC  C5    H5     sing N N 74  
DC  C6    H6     sing N N 75  
DG  OP3   P      sing N N 76  
DG  OP3   HOP3   sing N N 77  
DG  P     OP1    doub N N 78  
DG  P     OP2    sing N N 79  
DG  P     "O5'"  sing N N 80  
DG  OP2   HOP2   sing N N 81  
DG  "O5'" "C5'"  sing N N 82  
DG  "C5'" "C4'"  sing N N 83  
DG  "C5'" "H5'"  sing N N 84  
DG  "C5'" "H5''" sing N N 85  
DG  "C4'" "O4'"  sing N N 86  
DG  "C4'" "C3'"  sing N N 87  
DG  "C4'" "H4'"  sing N N 88  
DG  "O4'" "C1'"  sing N N 89  
DG  "C3'" "O3'"  sing N N 90  
DG  "C3'" "C2'"  sing N N 91  
DG  "C3'" "H3'"  sing N N 92  
DG  "O3'" "HO3'" sing N N 93  
DG  "C2'" "C1'"  sing N N 94  
DG  "C2'" "H2'"  sing N N 95  
DG  "C2'" "H2''" sing N N 96  
DG  "C1'" N9     sing N N 97  
DG  "C1'" "H1'"  sing N N 98  
DG  N9    C8     sing Y N 99  
DG  N9    C4     sing Y N 100 
DG  C8    N7     doub Y N 101 
DG  C8    H8     sing N N 102 
DG  N7    C5     sing Y N 103 
DG  C5    C6     sing N N 104 
DG  C5    C4     doub Y N 105 
DG  C6    O6     doub N N 106 
DG  C6    N1     sing N N 107 
DG  N1    C2     sing N N 108 
DG  N1    H1     sing N N 109 
DG  C2    N2     sing N N 110 
DG  C2    N3     doub N N 111 
DG  N2    H21    sing N N 112 
DG  N2    H22    sing N N 113 
DG  N3    C4     sing N N 114 
DT  OP3   P      sing N N 115 
DT  OP3   HOP3   sing N N 116 
DT  P     OP1    doub N N 117 
DT  P     OP2    sing N N 118 
DT  P     "O5'"  sing N N 119 
DT  OP2   HOP2   sing N N 120 
DT  "O5'" "C5'"  sing N N 121 
DT  "C5'" "C4'"  sing N N 122 
DT  "C5'" "H5'"  sing N N 123 
DT  "C5'" "H5''" sing N N 124 
DT  "C4'" "O4'"  sing N N 125 
DT  "C4'" "C3'"  sing N N 126 
DT  "C4'" "H4'"  sing N N 127 
DT  "O4'" "C1'"  sing N N 128 
DT  "C3'" "O3'"  sing N N 129 
DT  "C3'" "C2'"  sing N N 130 
DT  "C3'" "H3'"  sing N N 131 
DT  "O3'" "HO3'" sing N N 132 
DT  "C2'" "C1'"  sing N N 133 
DT  "C2'" "H2'"  sing N N 134 
DT  "C2'" "H2''" sing N N 135 
DT  "C1'" N1     sing N N 136 
DT  "C1'" "H1'"  sing N N 137 
DT  N1    C2     sing N N 138 
DT  N1    C6     sing N N 139 
DT  C2    O2     doub N N 140 
DT  C2    N3     sing N N 141 
DT  N3    C4     sing N N 142 
DT  N3    H3     sing N N 143 
DT  C4    O4     doub N N 144 
DT  C4    C5     sing N N 145 
DT  C5    C7     sing N N 146 
DT  C5    C6     doub N N 147 
DT  C7    H71    sing N N 148 
DT  C7    H72    sing N N 149 
DT  C7    H73    sing N N 150 
DT  C6    H6     sing N N 151 
HOH O     H1     sing N N 152 
HOH O     H2     sing N N 153 
SPM N1    C2     sing N N 154 
SPM N1    HN11   sing N N 155 
SPM N1    HN12   sing N N 156 
SPM C2    C3     sing N N 157 
SPM C2    H21    sing N N 158 
SPM C2    H22    sing N N 159 
SPM C3    C4     sing N N 160 
SPM C3    H31    sing N N 161 
SPM C3    H32    sing N N 162 
SPM C4    N5     sing N N 163 
SPM C4    H41    sing N N 164 
SPM C4    H42    sing N N 165 
SPM N5    C6     sing N N 166 
SPM N5    HN5    sing N N 167 
SPM C6    C7     sing N N 168 
SPM C6    H61    sing N N 169 
SPM C6    H62    sing N N 170 
SPM C7    C8     sing N N 171 
SPM C7    H71    sing N N 172 
SPM C7    H72    sing N N 173 
SPM C8    C9     sing N N 174 
SPM C8    H81    sing N N 175 
SPM C8    H82    sing N N 176 
SPM C9    N10    sing N N 177 
SPM C9    H91    sing N N 178 
SPM C9    H92    sing N N 179 
SPM N10   C11    sing N N 180 
SPM N10   HN0    sing N N 181 
SPM C11   C12    sing N N 182 
SPM C11   H111   sing N N 183 
SPM C11   H112   sing N N 184 
SPM C12   C13    sing N N 185 
SPM C12   H121   sing N N 186 
SPM C12   H122   sing N N 187 
SPM C13   N14    sing N N 188 
SPM C13   H131   sing N N 189 
SPM C13   H132   sing N N 190 
SPM N14   HN41   sing N N 191 
SPM N14   HN42   sing N N 192 
# 
loop_
_ndb_struct_conf_na.entry_id 
_ndb_struct_conf_na.feature 
210D 'z-form double helix'  
210D 'mismatched base pair' 
# 
loop_
_ndb_struct_na_base_pair.model_number 
_ndb_struct_na_base_pair.i_label_asym_id 
_ndb_struct_na_base_pair.i_label_comp_id 
_ndb_struct_na_base_pair.i_label_seq_id 
_ndb_struct_na_base_pair.i_symmetry 
_ndb_struct_na_base_pair.j_label_asym_id 
_ndb_struct_na_base_pair.j_label_comp_id 
_ndb_struct_na_base_pair.j_label_seq_id 
_ndb_struct_na_base_pair.j_symmetry 
_ndb_struct_na_base_pair.shear 
_ndb_struct_na_base_pair.stretch 
_ndb_struct_na_base_pair.stagger 
_ndb_struct_na_base_pair.buckle 
_ndb_struct_na_base_pair.propeller 
_ndb_struct_na_base_pair.opening 
_ndb_struct_na_base_pair.pair_number 
_ndb_struct_na_base_pair.pair_name 
_ndb_struct_na_base_pair.i_auth_asym_id 
_ndb_struct_na_base_pair.i_auth_seq_id 
_ndb_struct_na_base_pair.i_PDB_ins_code 
_ndb_struct_na_base_pair.j_auth_asym_id 
_ndb_struct_na_base_pair.j_auth_seq_id 
_ndb_struct_na_base_pair.j_PDB_ins_code 
_ndb_struct_na_base_pair.hbond_type_28 
_ndb_struct_na_base_pair.hbond_type_12 
1 A DC  1 1_555 A DG  6 4_556 -0.367 -0.111 0.067  -2.454 -5.494 -0.790 1 A_DC1:DG6_A  A 1 ? A 6 ? 19 1 
1 A DG  2 1_555 A DC  5 4_556 0.160  -0.195 0.170  -3.094 -2.466 -0.254 2 A_DG2:DC5_A  A 2 ? A 5 ? 19 1 
1 A DT  3 1_555 A 1AP 4 4_556 -0.047 -0.126 -0.068 9.158  -2.672 5.707  3 A_DT3:1AP4_A A 3 ? A 4 ? ?  ? 
1 A 1AP 4 1_555 A DT  3 4_556 0.047  -0.126 -0.068 -9.158 -2.672 5.707  4 A_1AP4:DT3_A A 4 ? A 3 ? ?  ? 
1 A DC  5 1_555 A DG  2 4_556 -0.160 -0.195 0.170  3.094  -2.466 -0.254 5 A_DC5:DG2_A  A 5 ? A 2 ? 19 1 
1 A DG  6 1_555 A DC  1 4_556 0.367  -0.111 0.067  2.454  -5.494 -0.790 6 A_DG6:DC1_A  A 6 ? A 1 ? 19 1 
# 
loop_
_ndb_struct_na_base_pair_step.model_number 
_ndb_struct_na_base_pair_step.i_label_asym_id_1 
_ndb_struct_na_base_pair_step.i_label_comp_id_1 
_ndb_struct_na_base_pair_step.i_label_seq_id_1 
_ndb_struct_na_base_pair_step.i_symmetry_1 
_ndb_struct_na_base_pair_step.j_label_asym_id_1 
_ndb_struct_na_base_pair_step.j_label_comp_id_1 
_ndb_struct_na_base_pair_step.j_label_seq_id_1 
_ndb_struct_na_base_pair_step.j_symmetry_1 
_ndb_struct_na_base_pair_step.i_label_asym_id_2 
_ndb_struct_na_base_pair_step.i_label_comp_id_2 
_ndb_struct_na_base_pair_step.i_label_seq_id_2 
_ndb_struct_na_base_pair_step.i_symmetry_2 
_ndb_struct_na_base_pair_step.j_label_asym_id_2 
_ndb_struct_na_base_pair_step.j_label_comp_id_2 
_ndb_struct_na_base_pair_step.j_label_seq_id_2 
_ndb_struct_na_base_pair_step.j_symmetry_2 
_ndb_struct_na_base_pair_step.shift 
_ndb_struct_na_base_pair_step.slide 
_ndb_struct_na_base_pair_step.rise 
_ndb_struct_na_base_pair_step.tilt 
_ndb_struct_na_base_pair_step.roll 
_ndb_struct_na_base_pair_step.twist 
_ndb_struct_na_base_pair_step.x_displacement 
_ndb_struct_na_base_pair_step.y_displacement 
_ndb_struct_na_base_pair_step.helical_rise 
_ndb_struct_na_base_pair_step.inclination 
_ndb_struct_na_base_pair_step.tip 
_ndb_struct_na_base_pair_step.helical_twist 
_ndb_struct_na_base_pair_step.step_number 
_ndb_struct_na_base_pair_step.step_name 
_ndb_struct_na_base_pair_step.i_auth_asym_id_1 
_ndb_struct_na_base_pair_step.i_auth_seq_id_1 
_ndb_struct_na_base_pair_step.i_PDB_ins_code_1 
_ndb_struct_na_base_pair_step.j_auth_asym_id_1 
_ndb_struct_na_base_pair_step.j_auth_seq_id_1 
_ndb_struct_na_base_pair_step.j_PDB_ins_code_1 
_ndb_struct_na_base_pair_step.i_auth_asym_id_2 
_ndb_struct_na_base_pair_step.i_auth_seq_id_2 
_ndb_struct_na_base_pair_step.i_PDB_ins_code_2 
_ndb_struct_na_base_pair_step.j_auth_asym_id_2 
_ndb_struct_na_base_pair_step.j_auth_seq_id_2 
_ndb_struct_na_base_pair_step.j_PDB_ins_code_2 
1 A DC  1 1_555 A DG  6 4_556 A DG  2 1_555 A DC  5 4_556 0.057  5.415  3.531 -0.869 -5.800 -11.028 -14.540 -1.290 5.632 27.752 
-4.160 -12.486 1 AA_DC1DG2:DC5DG6_AA   A 1 ? A 6 ? A 2 ? A 5 ? 
1 A DG  2 1_555 A DC  5 4_556 A DT  3 1_555 A 1AP 4 4_556 0.164  -1.403 3.221 1.892  -9.041 -42.629 2.710   0.392  2.870 12.265 
2.566  -43.573 2 AA_DG2DT3:1AP4DC5_AA  A 2 ? A 5 ? A 3 ? A 4 ? 
1 A DT  3 1_555 A 1AP 4 4_556 A 1AP 4 1_555 A DT  3 4_556 0.000  5.313  3.881 0.000  -5.279 -7.094  -12.653 0.000  6.284 36.695 
0.000  -8.841  3 AA_DT31AP4:DT31AP4_AA A 3 ? A 4 ? A 4 ? A 3 ? 
1 A 1AP 4 1_555 A DT  3 4_556 A DC  5 1_555 A DG  2 4_556 -0.164 -1.403 3.221 -1.892 -9.041 -42.629 2.710   -0.392 2.870 12.265 
-2.566 -43.573 4 AA_1AP4DC5:DG2DT3_AA  A 4 ? A 3 ? A 5 ? A 2 ? 
1 A DC  5 1_555 A DG  2 4_556 A DG  6 1_555 A DC  1 4_556 -0.057 5.415  3.531 0.869  -5.800 -11.028 -14.540 1.290  5.632 27.751 
4.160  -12.486 5 AA_DC5DG6:DC1DG2_AA   A 5 ? A 2 ? A 6 ? A 1 ? 
# 
_atom_sites.entry_id                    210D 
_atom_sites.fract_transf_matrix[1][1]   0.00835784 
_atom_sites.fract_transf_matrix[1][2]   -0.03678520 
_atom_sites.fract_transf_matrix[1][3]   0.02584459 
_atom_sites.fract_transf_matrix[2][1]   0.03890471 
_atom_sites.fract_transf_matrix[2][2]   -0.00281494 
_atom_sites.fract_transf_matrix[2][3]   0.02388057 
_atom_sites.fract_transf_matrix[3][1]   -0.01136622 
_atom_sites.fract_transf_matrix[3][2]   0.01136884 
_atom_sites.fract_transf_matrix[3][3]   0.01985724 
_atom_sites.fract_transf_vector[1]      -0.553689 
_atom_sites.fract_transf_vector[2]      -0.648750 
_atom_sites.fract_transf_vector[3]      0.594137 
# 
loop_
_atom_type.symbol 
C 
N 
O 
P 
# 
loop_
_atom_site.group_PDB 
_atom_site.id 
_atom_site.type_symbol 
_atom_site.label_atom_id 
_atom_site.label_alt_id 
_atom_site.label_comp_id 
_atom_site.label_asym_id 
_atom_site.label_entity_id 
_atom_site.label_seq_id 
_atom_site.pdbx_PDB_ins_code 
_atom_site.Cartn_x 
_atom_site.Cartn_y 
_atom_site.Cartn_z 
_atom_site.occupancy 
_atom_site.B_iso_or_equiv 
_atom_site.pdbx_formal_charge 
_atom_site.auth_seq_id 
_atom_site.auth_comp_id 
_atom_site.auth_asym_id 
_atom_site.auth_atom_id 
_atom_site.pdbx_PDB_model_num 
ATOM   1   O "O5'" . DC  A 1 1 ? 3.465  -11.514 -2.611  1.00 21.91 ? 1  DC  A "O5'" 1 
ATOM   2   C "C5'" . DC  A 1 1 ? 2.793  -10.432 -1.997  1.00 16.94 ? 1  DC  A "C5'" 1 
ATOM   3   C "C4'" . DC  A 1 1 ? 1.865  -9.735  -2.962  1.00 13.44 ? 1  DC  A "C4'" 1 
ATOM   4   O "O4'" . DC  A 1 1 ? 2.638  -8.946  -3.886  1.00 12.86 ? 1  DC  A "O4'" 1 
ATOM   5   C "C3'" . DC  A 1 1 ? 0.954  -10.631 -3.808  1.00 13.26 ? 1  DC  A "C3'" 1 
ATOM   6   O "O3'" . DC  A 1 1 ? -0.361 -10.059 -3.876  1.00 14.85 ? 1  DC  A "O3'" 1 
ATOM   7   C "C2'" . DC  A 1 1 ? 1.548  -10.522 -5.201  1.00 12.14 ? 1  DC  A "C2'" 1 
ATOM   8   C "C1'" . DC  A 1 1 ? 2.110  -9.115  -5.179  1.00 12.24 ? 1  DC  A "C1'" 1 
ATOM   9   N N1    . DC  A 1 1 ? 3.187  -8.879  -6.139  1.00 11.53 ? 1  DC  A N1    1 
ATOM   10  C C2    . DC  A 1 1 ? 2.838  -8.400  -7.395  1.00 10.71 ? 1  DC  A C2    1 
ATOM   11  O O2    . DC  A 1 1 ? 1.646  -8.197  -7.642  1.00 12.09 ? 1  DC  A O2    1 
ATOM   12  N N3    . DC  A 1 1 ? 3.803  -8.170  -8.318  1.00 10.57 ? 1  DC  A N3    1 
ATOM   13  C C4    . DC  A 1 1 ? 5.077  -8.404  -8.017  1.00 9.78  ? 1  DC  A C4    1 
ATOM   14  N N4    . DC  A 1 1 ? 5.981  -8.154  -8.961  1.00 9.92  ? 1  DC  A N4    1 
ATOM   15  C C5    . DC  A 1 1 ? 5.471  -8.903  -6.733  1.00 11.38 ? 1  DC  A C5    1 
ATOM   16  C C6    . DC  A 1 1 ? 4.498  -9.121  -5.831  1.00 11.35 ? 1  DC  A C6    1 
ATOM   17  P P     . DG  A 1 2 ? -1.513 -10.543 -2.867  1.00 14.57 ? 2  DG  A P     1 
ATOM   18  O OP1   . DG  A 1 2 ? -1.362 -11.985 -2.593  1.00 17.49 ? 2  DG  A OP1   1 
ATOM   19  O OP2   . DG  A 1 2 ? -2.774 -10.015 -3.422  1.00 13.58 ? 2  DG  A OP2   1 
ATOM   20  O "O5'" . DG  A 1 2 ? -1.186 -9.778  -1.497  1.00 14.38 ? 2  DG  A "O5'" 1 
ATOM   21  C "C5'" . DG  A 1 2 ? -1.315 -8.372  -1.394  1.00 11.51 ? 2  DG  A "C5'" 1 
ATOM   22  C "C4'" . DG  A 1 2 ? -0.799 -7.905  -0.055  1.00 10.50 ? 2  DG  A "C4'" 1 
ATOM   23  O "O4'" . DG  A 1 2 ? 0.566  -8.320  0.110   1.00 10.79 ? 2  DG  A "O4'" 1 
ATOM   24  C "C3'" . DG  A 1 2 ? -0.780 -6.394  0.065   1.00 11.13 ? 2  DG  A "C3'" 1 
ATOM   25  O "O3'" . DG  A 1 2 ? -1.983 -6.003  0.704   1.00 11.09 ? 2  DG  A "O3'" 1 
ATOM   26  C "C2'" . DG  A 1 2 ? 0.450  -6.086  0.906   1.00 10.91 ? 2  DG  A "C2'" 1 
ATOM   27  C "C1'" . DG  A 1 2 ? 1.338  -7.307  0.745   1.00 10.42 ? 2  DG  A "C1'" 1 
ATOM   28  N N9    . DG  A 1 2 ? 2.561  -7.132  -0.040  1.00 9.55  ? 2  DG  A N9    1 
ATOM   29  C C8    . DG  A 1 2 ? 3.828  -7.473  0.353   1.00 9.82  ? 2  DG  A C8    1 
ATOM   30  N N7    . DG  A 1 2 ? 4.726  -7.277  -0.578  1.00 10.02 ? 2  DG  A N7    1 
ATOM   31  C C5    . DG  A 1 2 ? 4.010  -6.756  -1.646  1.00 8.59  ? 2  DG  A C5    1 
ATOM   32  C C6    . DG  A 1 2 ? 4.447  -6.365  -2.944  1.00 10.15 ? 2  DG  A C6    1 
ATOM   33  O O6    . DG  A 1 2 ? 5.583  -6.463  -3.431  1.00 10.87 ? 2  DG  A O6    1 
ATOM   34  N N1    . DG  A 1 2 ? 3.408  -5.847  -3.709  1.00 8.57  ? 2  DG  A N1    1 
ATOM   35  C C2    . DG  A 1 2 ? 2.105  -5.762  -3.295  1.00 7.81  ? 2  DG  A C2    1 
ATOM   36  N N2    . DG  A 1 2 ? 1.252  -5.240  -4.173  1.00 9.20  ? 2  DG  A N2    1 
ATOM   37  N N3    . DG  A 1 2 ? 1.669  -6.165  -2.096  1.00 8.51  ? 2  DG  A N3    1 
ATOM   38  C C4    . DG  A 1 2 ? 2.675  -6.639  -1.327  1.00 8.70  ? 2  DG  A C4    1 
ATOM   39  P P     . DT  A 1 3 ? -2.798 -4.780  0.118   1.00 11.96 ? 3  DT  A P     1 
ATOM   40  O OP1   . DT  A 1 3 ? -3.987 -4.578  0.991   1.00 12.49 ? 3  DT  A OP1   1 
ATOM   41  O OP2   . DT  A 1 3 ? -2.991 -5.039  -1.333  1.00 13.57 ? 3  DT  A OP2   1 
ATOM   42  O "O5'" . DT  A 1 3 ? -1.739 -3.608  0.299   1.00 12.82 ? 3  DT  A "O5'" 1 
ATOM   43  C "C5'" . DT  A 1 3 ? -2.118 -2.270  0.601   1.00 11.62 ? 3  DT  A "C5'" 1 
ATOM   44  C "C4'" . DT  A 1 3 ? -1.588 -1.333  -0.462  1.00 11.29 ? 3  DT  A "C4'" 1 
ATOM   45  O "O4'" . DT  A 1 3 ? -0.142 -1.316  -0.432  1.00 10.53 ? 3  DT  A "O4'" 1 
ATOM   46  C "C3'" . DT  A 1 3 ? -1.973 -1.707  -1.898  1.00 12.07 ? 3  DT  A "C3'" 1 
ATOM   47  O "O3'" . DT  A 1 3 ? -2.297 -0.523  -2.616  1.00 14.69 ? 3  DT  A "O3'" 1 
ATOM   48  C "C2'" . DT  A 1 3 ? -0.686 -2.266  -2.475  1.00 10.45 ? 3  DT  A "C2'" 1 
ATOM   49  C "C1'" . DT  A 1 3 ? 0.339  -1.411  -1.756  1.00 9.40  ? 3  DT  A "C1'" 1 
ATOM   50  N N1    . DT  A 1 3 ? 1.674  -1.999  -1.709  1.00 8.34  ? 3  DT  A N1    1 
ATOM   51  C C2    . DT  A 1 3 ? 2.424  -1.916  -2.862  1.00 8.27  ? 3  DT  A C2    1 
ATOM   52  O O2    . DT  A 1 3 ? 2.014  -1.386  -3.876  1.00 9.48  ? 3  DT  A O2    1 
ATOM   53  N N3    . DT  A 1 3 ? 3.667  -2.472  -2.781  1.00 7.72  ? 3  DT  A N3    1 
ATOM   54  C C4    . DT  A 1 3 ? 4.239  -3.083  -1.688  1.00 7.71  ? 3  DT  A C4    1 
ATOM   55  O O4    . DT  A 1 3 ? 5.379  -3.513  -1.771  1.00 9.73  ? 3  DT  A O4    1 
ATOM   56  C C5    . DT  A 1 3 ? 3.402  -3.147  -0.500  1.00 8.29  ? 3  DT  A C5    1 
ATOM   57  C C7    . DT  A 1 3 ? 3.944  -3.797  0.736   1.00 8.80  ? 3  DT  A C7    1 
ATOM   58  C C6    . DT  A 1 3 ? 2.170  -2.609  -0.572  1.00 7.96  ? 3  DT  A C6    1 
HETATM 59  N N1    . 1AP A 1 4 ? 1.901  0.995   0.538   1.00 9.66  ? 4  1AP A N1    1 
HETATM 60  C C2    . 1AP A 1 4 ? 0.820  1.646   0.089   1.00 8.66  ? 4  1AP A C2    1 
HETATM 61  C C4    . 1AP A 1 4 ? -0.419 1.122   1.845   1.00 10.54 ? 4  1AP A C4    1 
HETATM 62  C C5    . 1AP A 1 4 ? 0.613  0.410   2.432   1.00 11.44 ? 4  1AP A C5    1 
HETATM 63  C C6    . 1AP A 1 4 ? 1.827  0.351   1.729   1.00 10.16 ? 4  1AP A C6    1 
HETATM 64  C C8    . 1AP A 1 4 ? -1.045 0.231   3.756   1.00 11.39 ? 4  1AP A C8    1 
HETATM 65  N N2    . 1AP A 1 4 ? 0.937  2.273   -1.080  1.00 9.95  ? 4  1AP A N2    1 
HETATM 66  N N3    . 1AP A 1 4 ? -0.384 1.769   0.661   1.00 10.13 ? 4  1AP A N3    1 
HETATM 67  N N9    . 1AP A 1 4 ? -1.488 1.008   2.716   1.00 12.09 ? 4  1AP A N9    1 
HETATM 68  N N7    . 1AP A 1 4 ? 0.203  -0.148  3.641   1.00 13.13 ? 4  1AP A N7    1 
HETATM 69  N N6    . 1AP A 1 4 ? 2.903  -0.307  2.172   1.00 11.52 ? 4  1AP A N6    1 
HETATM 70  P P     . 1AP A 1 4 ? -3.831 -0.046  -2.731  1.00 18.08 ? 4  1AP A P     1 
HETATM 71  O OP1   . 1AP A 1 4 ? -4.701 -1.235  -2.865  1.00 18.78 ? 4  1AP A OP1   1 
HETATM 72  O OP2   . 1AP A 1 4 ? -3.825 1.008   -3.766  1.00 20.87 ? 4  1AP A OP2   1 
HETATM 73  O "O5'" . 1AP A 1 4 ? -4.178 0.619   -1.328  1.00 17.08 ? 4  1AP A "O5'" 1 
HETATM 74  C "C5'" . 1AP A 1 4 ? -3.521 1.792   -0.904  1.00 15.46 ? 4  1AP A "C5'" 1 
HETATM 75  C "C4'" . 1AP A 1 4 ? -3.869 2.088   0.534   1.00 14.27 ? 4  1AP A "C4'" 1 
HETATM 76  O "O4'" . 1AP A 1 4 ? -3.375 1.052   1.401   1.00 13.90 ? 4  1AP A "O4'" 1 
HETATM 77  C "C1'" . 1AP A 1 4 ? -2.805 1.585   2.568   1.00 13.02 ? 4  1AP A "C1'" 1 
HETATM 78  C "C2'" . 1AP A 1 4 ? -2.869 3.107   2.447   1.00 15.56 ? 4  1AP A "C2'" 1 
HETATM 79  C "C3'" . 1AP A 1 4 ? -3.210 3.370   0.995   1.00 14.82 ? 4  1AP A "C3'" 1 
HETATM 80  O "O3'" . 1AP A 1 4 ? -4.142 4.392   0.996   1.00 19.78 ? 4  1AP A "O3'" 1 
ATOM   81  P P     A DC  A 1 5 ? -3.928 5.664   0.043   0.60 18.95 ? 5  DC  A P     1 
ATOM   82  P P     B DC  A 1 5 ? -3.906 5.888   1.438   0.40 19.27 ? 5  DC  A P     1 
ATOM   83  O OP1   A DC  A 1 5 ? -5.034 6.562   0.460   0.60 21.47 ? 5  DC  A OP1   1 
ATOM   84  O OP1   B DC  A 1 5 ? -3.776 5.988   2.940   0.40 19.36 ? 5  DC  A OP1   1 
ATOM   85  O OP2   A DC  A 1 5 ? -3.775 5.279   -1.378  0.60 19.65 ? 5  DC  A OP2   1 
ATOM   86  O OP2   B DC  A 1 5 ? -5.204 6.620   1.314   0.40 20.37 ? 5  DC  A OP2   1 
ATOM   87  O "O5'" . DC  A 1 5 ? -2.595 6.321   0.607   1.00 17.92 ? 5  DC  A "O5'" 1 
ATOM   88  C "C5'" . DC  A 1 5 ? -2.348 7.692   0.427   1.00 13.83 ? 5  DC  A "C5'" 1 
ATOM   89  C "C4'" . DC  A 1 5 ? -0.917 7.885   0.004   1.00 12.16 ? 5  DC  A "C4'" 1 
ATOM   90  O "O4'" . DC  A 1 5 ? -0.048 7.259   0.966   1.00 10.87 ? 5  DC  A "O4'" 1 
ATOM   91  C "C3'" . DC  A 1 5 ? -0.603 7.200   -1.322  1.00 12.79 ? 5  DC  A "C3'" 1 
ATOM   92  O "O3'" . DC  A 1 5 ? 0.268  8.044   -2.038  1.00 15.16 ? 5  DC  A "O3'" 1 
ATOM   93  C "C2'" . DC  A 1 5 ? 0.132  5.940   -0.911  1.00 11.67 ? 5  DC  A "C2'" 1 
ATOM   94  C "C1'" . DC  A 1 5 ? 0.902  6.482   0.255   1.00 10.30 ? 5  DC  A "C1'" 1 
ATOM   95  N N1    . DC  A 1 5 ? 1.423  5.472   1.144   1.00 10.19 ? 5  DC  A N1    1 
ATOM   96  C C2    . DC  A 1 5 ? 2.706  4.976   0.902   1.00 10.50 ? 5  DC  A C2    1 
ATOM   97  O O2    . DC  A 1 5 ? 3.315  5.368   -0.091  1.00 12.58 ? 5  DC  A O2    1 
ATOM   98  N N3    . DC  A 1 5 ? 3.239  4.078   1.744   1.00 9.85  ? 5  DC  A N3    1 
ATOM   99  C C4    . DC  A 1 5 ? 2.532  3.649   2.789   1.00 8.95  ? 5  DC  A C4    1 
ATOM   100 N N4    . DC  A 1 5 ? 3.104  2.773   3.600   1.00 9.52  ? 5  DC  A N4    1 
ATOM   101 C C5    . DC  A 1 5 ? 1.203  4.111   3.044   1.00 8.92  ? 5  DC  A C5    1 
ATOM   102 C C6    . DC  A 1 5 ? 0.695  5.015   2.205   1.00 8.49  ? 5  DC  A C6    1 
ATOM   103 P P     . DG  A 1 6 ? -0.345 9.063   -3.110  1.00 19.62 ? 6  DG  A P     1 
ATOM   104 O OP1   . DG  A 1 6 ? -1.371 8.352   -3.886  1.00 19.97 ? 6  DG  A OP1   1 
ATOM   105 O OP2   . DG  A 1 6 ? 0.795  9.730   -3.777  1.00 20.91 ? 6  DG  A OP2   1 
ATOM   106 O "O5'" . DG  A 1 6 ? -1.134 10.145  -2.243  1.00 17.42 ? 6  DG  A "O5'" 1 
ATOM   107 C "C5'" . DG  A 1 6 ? -0.485 11.320  -1.761  1.00 15.36 ? 6  DG  A "C5'" 1 
ATOM   108 C "C4'" . DG  A 1 6 ? -1.485 12.185  -1.034  1.00 13.36 ? 6  DG  A "C4'" 1 
ATOM   109 O "O4'" . DG  A 1 6 ? -2.078 11.416  0.028   1.00 13.23 ? 6  DG  A "O4'" 1 
ATOM   110 C "C3'" . DG  A 1 6 ? -0.909 13.445  -0.395  1.00 14.29 ? 6  DG  A "C3'" 1 
ATOM   111 O "O3'" . DG  A 1 6 ? -1.798 14.537  -0.634  1.00 16.19 ? 6  DG  A "O3'" 1 
ATOM   112 C "C2'" . DG  A 1 6 ? -0.811 13.103  1.080   1.00 12.37 ? 6  DG  A "C2'" 1 
ATOM   113 C "C1'" . DG  A 1 6 ? -1.913 12.075  1.280   1.00 12.15 ? 6  DG  A "C1'" 1 
ATOM   114 N N9    . DG  A 1 6 ? -1.650 11.046  2.272   1.00 11.53 ? 6  DG  A N9    1 
ATOM   115 C C8    . DG  A 1 6 ? -2.540 10.545  3.187   1.00 10.62 ? 6  DG  A C8    1 
ATOM   116 N N7    . DG  A 1 6 ? -2.034 9.591   3.921   1.00 11.25 ? 6  DG  A N7    1 
ATOM   117 C C5    . DG  A 1 6 ? -0.726 9.456   3.472   1.00 11.07 ? 6  DG  A C5    1 
ATOM   118 C C6    . DG  A 1 6 ? 0.286  8.515   3.836   1.00 10.39 ? 6  DG  A C6    1 
ATOM   119 O O6    . DG  A 1 6 ? 0.249  7.628   4.697   1.00 10.81 ? 6  DG  A O6    1 
ATOM   120 N N1    . DG  A 1 6 ? 1.430  8.671   3.065   1.00 11.25 ? 6  DG  A N1    1 
ATOM   121 C C2    . DG  A 1 6 ? 1.588  9.590   2.061   1.00 11.43 ? 6  DG  A C2    1 
ATOM   122 N N2    . DG  A 1 6 ? 2.776  9.570   1.418   1.00 13.26 ? 6  DG  A N2    1 
ATOM   123 N N3    . DG  A 1 6 ? 0.658  10.466  1.704   1.00 11.26 ? 6  DG  A N3    1 
ATOM   124 C C4    . DG  A 1 6 ? -0.466 10.349  2.456   1.00 11.08 ? 6  DG  A C4    1 
HETATM 125 N N1    . SPM B 2 . ? -5.388 5.282   4.667   0.40 42.05 ? 7  SPM A N1    1 
HETATM 126 C C2    . SPM B 2 . ? -4.455 4.797   5.573   0.40 41.14 ? 7  SPM A C2    1 
HETATM 127 C C3    . SPM B 2 . ? -5.166 4.009   6.689   0.40 40.46 ? 7  SPM A C3    1 
HETATM 128 C C4    . SPM B 2 . ? -4.889 4.589   8.034   0.40 40.11 ? 7  SPM A C4    1 
HETATM 129 N N5    . SPM B 2 . ? -3.373 4.439   8.366   0.40 39.70 ? 7  SPM A N5    1 
HETATM 130 C C6    . SPM B 2 . ? -3.387 3.358   9.354   0.40 38.95 ? 7  SPM A C6    1 
HETATM 131 C C7    . SPM B 2 . ? -3.917 3.778   10.589  0.40 38.76 ? 7  SPM A C7    1 
HETATM 132 C C8    . SPM B 2 . ? -2.706 3.349   11.638  0.40 38.37 ? 7  SPM A C8    1 
HETATM 133 C C9    . SPM B 2 . ? -2.048 2.096   10.819  0.40 38.06 ? 7  SPM A C9    1 
HETATM 134 N N10   . SPM B 2 . ? -0.947 1.357   11.463  0.40 37.66 ? 7  SPM A N10   1 
HETATM 135 C C11   . SPM B 2 . ? 0.359  1.777   10.741  0.40 37.18 ? 7  SPM A C11   1 
HETATM 136 C C12   . SPM B 2 . ? 1.517  1.555   11.725  0.40 36.62 ? 7  SPM A C12   1 
HETATM 137 C C13   . SPM B 2 . ? 2.783  2.194   11.197  0.40 36.24 ? 7  SPM A C13   1 
HETATM 138 N N14   . SPM B 2 . ? 3.529  1.416   10.330  0.40 36.97 ? 7  SPM A N14   1 
HETATM 139 O O     . HOH C 3 . ? -7.401 4.941   1.619   0.50 38.38 ? 8  HOH A O     1 
HETATM 140 O O     . HOH C 3 . ? -1.733 -5.353  -3.679  1.00 14.92 ? 9  HOH A O     1 
HETATM 141 O O     . HOH C 3 . ? -2.612 -7.680  -4.883  1.00 19.08 ? 10 HOH A O     1 
HETATM 142 O O     . HOH C 3 . ? 0.134  0.575   -5.370  1.00 39.27 ? 11 HOH A O     1 
HETATM 143 O O     . HOH C 3 . ? -0.648 -6.657  -6.877  1.00 19.11 ? 12 HOH A O     1 
HETATM 144 O O     . HOH C 3 . ? 1.622  2.334   5.983   1.00 38.37 ? 13 HOH A O     1 
HETATM 145 O O     . HOH C 3 . ? 2.711  -0.310  5.316   1.00 42.77 ? 14 HOH A O     1 
HETATM 146 O O     . HOH C 3 . ? -1.788 5.590   4.928   1.00 27.32 ? 15 HOH A O     1 
HETATM 147 O O     . HOH C 3 . ? -5.472 -6.975  1.599   1.00 35.83 ? 16 HOH A O     1 
HETATM 148 O O     . HOH C 3 . ? -6.251 -0.529  0.995   1.00 32.75 ? 17 HOH A O     1 
HETATM 149 O O     . HOH C 3 . ? 3.093  8.798   -2.655  1.00 48.25 ? 18 HOH A O     1 
HETATM 150 O O     . HOH C 3 . ? 8.854  -9.136  -11.780 1.00 32.45 ? 19 HOH A O     1 
HETATM 151 O O     . HOH C 3 . ? -0.895 3.241   6.393   0.50 36.04 ? 20 HOH A O     1 
HETATM 152 O O     . HOH C 3 . ? -1.048 3.418   -3.254  1.00 24.04 ? 21 HOH A O     1 
HETATM 153 O O     . HOH C 3 . ? -0.241 -2.465  -6.058  1.00 36.25 ? 22 HOH A O     1 
HETATM 154 O O     . HOH C 3 . ? 7.230  -8.682  -3.614  1.00 39.01 ? 23 HOH A O     1 
HETATM 155 O O     . HOH C 3 . ? 8.507  -9.104  -8.317  1.00 32.92 ? 24 HOH A O     1 
HETATM 156 O O     . HOH C 3 . ? -6.327 -3.070  0.139   0.50 40.92 ? 25 HOH A O     1 
HETATM 157 O O     . HOH C 3 . ? 0.016  -13.099 -0.627  0.50 30.35 ? 26 HOH A O     1 
HETATM 158 O O     . HOH C 3 . ? -4.244 -9.338  1.206   0.50 31.04 ? 27 HOH A O     1 
HETATM 159 O O     . HOH C 3 . ? 6.151  -10.850 -2.460  0.50 41.01 ? 28 HOH A O     1 
HETATM 160 O O     . HOH C 3 . ? 9.056  -8.582  -5.533  0.50 26.40 ? 29 HOH A O     1 
HETATM 161 O O     . HOH C 3 . ? -3.429 8.713   6.218   1.00 45.01 ? 30 HOH A O     1 
HETATM 162 O O     . HOH C 3 . ? -1.510 -0.165  -7.370  0.50 32.53 ? 31 HOH A O     1 
# 
